data_4BCF
#
_entry.id   4BCF
#
_cell.length_a   172.316
_cell.length_b   172.316
_cell.length_c   98.820
_cell.angle_alpha   90.00
_cell.angle_beta   90.00
_cell.angle_gamma   120.00
#
_symmetry.space_group_name_H-M   'H 3'
#
loop_
_entity.id
_entity.type
_entity.pdbx_description
1 polymer 'CYCLIN-DEPENDENT KINASE 9'
2 polymer CYCLIN-T1
3 non-polymer 2-[[3-(4-ethanoyl-1,4-diazepan-1-yl)phenyl]amino]-4-[4-methyl-2-(methylamino)-1,3-thiazol-5-yl]pyrimidine-5-carbonitrile
4 water water
#
loop_
_entity_poly.entity_id
_entity_poly.type
_entity_poly.pdbx_seq_one_letter_code
_entity_poly.pdbx_strand_id
1 'polypeptide(L)'
;GPAKQYDSVECPFCDEVSKYEKLAKIGQGTFGEVFKARHRKTGQKVALKKVLMENEKEGFPITALREIKILQLLKHENVV
NLIEICRTKASPYNRCKASIYLVFDFCEHDLAGLLSNVLVKFTLSEIKRVMQMLLNGLYYIHRNKILHRDMKAANVLITR
DGVLKLADFGLARAFSLAKNSQPNRY(TPO)NRVVTLWYRPPELLLGERDYGPPIDLWGAGCIMAEMWTRSPIMQGNTEQ
HQLALISQLCGSITPEVWPNVDNYELYEKLELVKGQKRKVKDRLKAYVRDPYALDLIDKLLVLDPAQRIDSDDALNHDFF
WSDPMPSDLKGMLST
;
A
2 'polypeptide(L)'
;GPEGERKNNNKRWYFTREQLENSPSRRFGVDPDKELSYRQQAANLLQDMGQRLNVSQLTINTAIVYMHRFYMIQSFTRFP
GNSVAPAALFLAAKVEGQPKKLEHVIKVAHTCLHPQESLPDTRSEAYLQQVQDLVILESIILQTLGFELTIDHPHTHVVK
CTQLVRASKDLAQTSYFMATNSLHLTTFSLQYTPPVVACVCIHLACKWSNWEIPVSTDGKHWWEYVDATVTLELLDELTH
ELLQILEKTPNRLKRIWNWR
;
B
#
# COMPACT_ATOMS: atom_id res chain seq x y z
N ASP A 7 3.99 13.81 26.01
CA ASP A 7 4.19 15.07 26.78
C ASP A 7 4.13 16.32 25.87
N SER A 8 3.16 16.32 24.94
CA SER A 8 2.88 17.44 24.02
C SER A 8 3.94 17.63 22.94
N VAL A 9 3.93 16.75 21.94
CA VAL A 9 4.86 16.90 20.80
C VAL A 9 4.26 17.59 19.58
N GLU A 10 5.10 18.37 18.89
CA GLU A 10 4.80 18.91 17.56
C GLU A 10 4.12 17.88 16.68
N CYS A 11 3.14 18.29 15.90
CA CYS A 11 2.51 17.28 15.09
C CYS A 11 1.71 17.79 13.89
N PRO A 12 2.40 18.54 13.01
CA PRO A 12 1.84 19.31 11.90
C PRO A 12 0.95 18.52 10.97
N PHE A 13 1.22 17.23 10.81
CA PHE A 13 0.64 16.47 9.70
C PHE A 13 -0.30 15.39 10.18
N CYS A 14 -0.63 15.43 11.46
CA CYS A 14 -1.60 14.49 11.98
C CYS A 14 -2.51 15.28 12.90
N ASP A 15 -3.68 15.64 12.40
CA ASP A 15 -4.64 16.46 13.14
C ASP A 15 -5.43 15.60 14.13
N GLU A 16 -5.87 16.20 15.22
CA GLU A 16 -6.72 15.49 16.18
C GLU A 16 -8.12 15.29 15.61
N VAL A 17 -8.66 14.08 15.77
CA VAL A 17 -9.95 13.70 15.20
C VAL A 17 -11.10 14.55 15.80
N SER A 18 -10.82 15.22 16.92
CA SER A 18 -11.80 16.15 17.53
C SER A 18 -12.20 17.27 16.57
N LYS A 19 -11.43 17.48 15.50
CA LYS A 19 -11.82 18.44 14.48
C LYS A 19 -13.13 18.03 13.81
N TYR A 20 -13.43 16.73 13.87
CA TYR A 20 -14.66 16.17 13.38
C TYR A 20 -15.60 15.95 14.53
N GLU A 21 -16.89 16.13 14.27
CA GLU A 21 -17.88 15.94 15.30
C GLU A 21 -18.67 14.70 14.97
N LYS A 22 -18.61 13.68 15.81
CA LYS A 22 -19.35 12.44 15.54
C LYS A 22 -20.86 12.63 15.45
N LEU A 23 -21.45 12.13 14.38
CA LEU A 23 -22.93 12.18 14.26
C LEU A 23 -23.59 10.86 14.67
N ALA A 24 -23.04 9.74 14.22
CA ALA A 24 -23.70 8.45 14.39
C ALA A 24 -22.78 7.28 14.05
N LYS A 25 -22.78 6.23 14.86
CA LYS A 25 -22.26 4.92 14.42
C LYS A 25 -23.03 4.48 13.21
N ILE A 26 -22.34 3.83 12.28
CA ILE A 26 -23.01 3.15 11.18
C ILE A 26 -22.39 1.77 11.03
N GLY A 27 -21.24 1.62 11.69
CA GLY A 27 -20.54 0.34 11.78
C GLY A 27 -20.62 -0.34 13.14
N GLN A 28 -21.37 -1.43 13.20
CA GLN A 28 -21.41 -2.29 14.39
C GLN A 28 -20.70 -3.59 14.01
N GLY A 29 -20.97 -4.65 14.76
CA GLY A 29 -20.40 -5.97 14.49
C GLY A 29 -19.09 -5.97 13.72
N THR A 30 -19.04 -6.85 12.72
CA THR A 30 -17.80 -7.20 11.99
C THR A 30 -16.92 -6.04 11.46
N PHE A 31 -17.46 -5.22 10.57
CA PHE A 31 -16.72 -4.17 9.84
C PHE A 31 -15.83 -3.24 10.68
N GLY A 32 -16.15 -3.09 11.97
CA GLY A 32 -15.31 -2.31 12.89
C GLY A 32 -16.08 -1.08 13.33
N GLU A 33 -15.51 -0.23 14.19
CA GLU A 33 -16.27 0.97 14.50
C GLU A 33 -16.15 2.07 13.46
N VAL A 34 -17.25 2.29 12.76
CA VAL A 34 -17.41 3.31 11.73
C VAL A 34 -18.43 4.39 12.15
N PHE A 35 -18.00 5.64 12.12
CA PHE A 35 -18.84 6.79 12.47
C PHE A 35 -19.06 7.75 11.31
N LYS A 36 -20.26 8.31 11.26
CA LYS A 36 -20.51 9.46 10.39
C LYS A 36 -20.09 10.69 11.19
N ALA A 37 -19.40 11.62 10.56
CA ALA A 37 -19.05 12.84 11.26
C ALA A 37 -19.09 14.11 10.41
N ARG A 38 -18.96 15.22 11.11
CA ARG A 38 -19.13 16.54 10.54
C ARG A 38 -17.89 17.36 10.90
N HIS A 39 -17.26 17.93 9.89
CA HIS A 39 -16.14 18.81 10.15
C HIS A 39 -16.68 20.01 10.93
N ARG A 40 -16.00 20.37 12.02
CA ARG A 40 -16.57 21.37 12.93
C ARG A 40 -16.62 22.78 12.35
N LYS A 41 -15.88 23.02 11.27
CA LYS A 41 -15.84 24.35 10.68
C LYS A 41 -16.64 24.51 9.40
N THR A 42 -16.65 23.46 8.58
CA THR A 42 -17.14 23.56 7.20
C THR A 42 -18.39 22.74 6.96
N GLY A 43 -18.64 21.79 7.84
CA GLY A 43 -19.90 21.01 7.74
C GLY A 43 -19.63 19.77 6.91
N GLN A 44 -18.44 19.68 6.33
CA GLN A 44 -18.12 18.56 5.46
C GLN A 44 -18.33 17.23 6.14
N LYS A 45 -19.17 16.37 5.56
CA LYS A 45 -19.46 15.07 6.18
C LYS A 45 -18.39 14.06 5.80
N VAL A 46 -17.99 13.23 6.75
CA VAL A 46 -16.95 12.24 6.53
C VAL A 46 -17.30 10.91 7.21
N ALA A 47 -16.58 9.85 6.89
CA ALA A 47 -16.66 8.61 7.64
C ALA A 47 -15.38 8.38 8.41
N LEU A 48 -15.50 8.07 9.69
CA LEU A 48 -14.35 7.74 10.50
C LEU A 48 -14.34 6.24 10.78
N LYS A 49 -13.26 5.58 10.37
CA LYS A 49 -12.99 4.22 10.85
C LYS A 49 -11.83 4.26 11.81
N LYS A 50 -12.06 3.87 13.05
CA LYS A 50 -10.96 3.67 14.01
C LYS A 50 -10.12 2.43 13.61
N VAL A 51 -8.82 2.49 13.86
CA VAL A 51 -7.94 1.32 13.77
C VAL A 51 -8.03 0.52 15.06
N LEU A 52 -8.64 -0.66 14.96
CA LEU A 52 -8.77 -1.58 16.07
C LEU A 52 -7.42 -2.06 16.61
N MET A 53 -7.24 -1.91 17.92
CA MET A 53 -6.10 -2.51 18.60
C MET A 53 -6.54 -3.59 19.60
N GLU A 54 -7.04 -4.73 19.09
CA GLU A 54 -7.33 -5.88 19.93
C GLU A 54 -6.03 -6.30 20.61
N ASN A 55 -4.96 -6.21 19.84
CA ASN A 55 -3.60 -6.21 20.35
C ASN A 55 -3.06 -4.79 20.08
N GLU A 56 -2.09 -4.62 19.18
CA GLU A 56 -1.31 -5.73 18.66
C GLU A 56 -0.18 -5.98 19.66
N LYS A 57 0.39 -7.18 19.62
CA LYS A 57 1.61 -7.46 20.39
C LYS A 57 2.69 -6.64 19.68
N GLU A 58 2.35 -6.07 18.53
CA GLU A 58 3.35 -5.72 17.57
C GLU A 58 3.21 -4.29 17.10
N GLY A 59 2.90 -3.38 18.03
CA GLY A 59 2.73 -1.98 17.67
C GLY A 59 1.61 -1.76 16.67
N PHE A 60 1.77 -0.71 15.86
CA PHE A 60 0.74 -0.35 14.87
C PHE A 60 0.55 -1.48 13.87
N PRO A 61 -0.71 -1.93 13.71
CA PRO A 61 -1.03 -3.14 12.93
C PRO A 61 -0.51 -3.06 11.50
N ILE A 62 0.30 -4.06 11.14
CA ILE A 62 0.82 -4.16 9.78
C ILE A 62 -0.30 -4.23 8.75
N THR A 63 -1.45 -4.72 9.18
CA THR A 63 -2.63 -4.78 8.34
C THR A 63 -3.17 -3.38 8.03
N ALA A 64 -3.15 -2.51 9.04
CA ALA A 64 -3.58 -1.13 8.84
C ALA A 64 -2.56 -0.35 7.99
N LEU A 65 -1.27 -0.61 8.18
CA LEU A 65 -0.25 0.00 7.33
C LEU A 65 -0.51 -0.35 5.88
N ARG A 66 -0.82 -1.61 5.63
CA ARG A 66 -1.07 -2.05 4.26
C ARG A 66 -2.25 -1.31 3.64
N GLU A 67 -3.36 -1.20 4.39
CA GLU A 67 -4.55 -0.53 3.89
C GLU A 67 -4.27 0.96 3.61
N ILE A 68 -3.65 1.62 4.57
CA ILE A 68 -3.24 3.00 4.41
C ILE A 68 -2.37 3.18 3.18
N LYS A 69 -1.39 2.30 2.98
CA LYS A 69 -0.56 2.36 1.78
C LYS A 69 -1.44 2.32 0.54
N ILE A 70 -2.40 1.39 0.54
CA ILE A 70 -3.22 1.14 -0.65
C ILE A 70 -4.23 2.27 -0.91
N LEU A 71 -4.90 2.76 0.14
CA LEU A 71 -5.80 3.92 0.02
C LEU A 71 -5.04 5.15 -0.50
N GLN A 72 -3.79 5.33 -0.07
CA GLN A 72 -3.02 6.47 -0.54
C GLN A 72 -2.64 6.38 -2.02
N LEU A 73 -2.51 5.15 -2.50
CA LEU A 73 -2.18 4.90 -3.89
C LEU A 73 -3.38 5.09 -4.81
N LEU A 74 -4.53 4.58 -4.39
CA LEU A 74 -5.74 4.58 -5.22
C LEU A 74 -6.53 5.89 -5.23
N LYS A 75 -6.43 6.63 -6.31
CA LYS A 75 -7.20 7.88 -6.48
C LYS A 75 -8.04 7.85 -7.74
N HIS A 76 -9.34 7.64 -7.60
CA HIS A 76 -10.19 7.40 -8.74
C HIS A 76 -11.66 7.67 -8.38
N GLU A 77 -12.44 8.16 -9.34
CA GLU A 77 -13.84 8.52 -9.09
C GLU A 77 -14.66 7.37 -8.49
N ASN A 78 -14.30 6.13 -8.80
CA ASN A 78 -15.02 4.98 -8.28
C ASN A 78 -14.34 4.23 -7.14
N VAL A 79 -13.40 4.91 -6.49
CA VAL A 79 -12.77 4.32 -5.31
C VAL A 79 -12.89 5.31 -4.17
N VAL A 80 -13.27 4.79 -3.02
CA VAL A 80 -13.49 5.62 -1.84
C VAL A 80 -12.23 6.42 -1.57
N ASN A 81 -12.39 7.60 -1.02
CA ASN A 81 -11.26 8.53 -0.85
C ASN A 81 -10.80 8.74 0.59
N LEU A 82 -9.58 8.34 0.89
CA LEU A 82 -9.04 8.58 2.21
C LEU A 82 -8.57 10.02 2.27
N ILE A 83 -9.18 10.83 3.14
CA ILE A 83 -8.83 12.23 3.21
C ILE A 83 -7.54 12.41 4.01
N GLU A 84 -7.45 11.75 5.15
CA GLU A 84 -6.32 11.90 6.05
C GLU A 84 -6.45 10.87 7.15
N ILE A 85 -5.38 10.75 7.93
CA ILE A 85 -5.40 9.95 9.16
C ILE A 85 -5.25 10.85 10.39
N CYS A 86 -6.09 10.62 11.38
CA CYS A 86 -6.11 11.49 12.55
C CYS A 86 -5.79 10.69 13.81
N ARG A 87 -5.18 11.38 14.76
CA ARG A 87 -4.90 10.83 16.08
C ARG A 87 -5.91 11.38 17.08
N THR A 88 -5.61 11.28 18.37
CA THR A 88 -6.63 11.53 19.37
C THR A 88 -5.87 12.13 20.52
N LYS A 89 -6.42 13.21 21.10
CA LYS A 89 -5.85 13.91 22.26
C LYS A 89 -4.90 13.07 23.10
N ALA A 98 -4.25 6.23 23.62
CA ALA A 98 -3.85 6.76 22.31
C ALA A 98 -4.50 5.95 21.16
N SER A 99 -5.05 6.60 20.10
CA SER A 99 -5.64 5.87 18.96
C SER A 99 -5.70 6.64 17.64
N ILE A 100 -6.18 5.96 16.60
CA ILE A 100 -5.96 6.40 15.22
C ILE A 100 -7.20 6.16 14.36
N TYR A 101 -7.49 7.12 13.48
CA TYR A 101 -8.72 7.05 12.70
C TYR A 101 -8.44 7.34 11.25
N LEU A 102 -9.00 6.50 10.38
CA LEU A 102 -8.97 6.77 8.97
C LEU A 102 -10.17 7.64 8.64
N VAL A 103 -9.92 8.77 7.97
CA VAL A 103 -11.01 9.68 7.62
C VAL A 103 -11.31 9.62 6.12
N PHE A 104 -12.56 9.26 5.77
CA PHE A 104 -12.99 9.20 4.36
C PHE A 104 -14.09 10.20 4.00
N ASP A 105 -14.14 10.64 2.74
CA ASP A 105 -15.31 11.35 2.21
C ASP A 105 -16.54 10.48 2.53
N PHE A 106 -17.61 11.09 3.04
CA PHE A 106 -18.83 10.32 3.35
C PHE A 106 -19.64 9.93 2.11
N CYS A 107 -20.19 8.72 2.11
CA CYS A 107 -21.07 8.27 1.00
C CYS A 107 -22.44 7.98 1.54
N GLU A 108 -23.45 8.64 0.97
CA GLU A 108 -24.81 8.55 1.50
C GLU A 108 -25.36 7.12 1.55
N HIS A 109 -25.21 6.39 0.44
CA HIS A 109 -25.79 5.06 0.34
C HIS A 109 -24.81 3.90 0.39
N ASP A 110 -25.36 2.70 0.61
CA ASP A 110 -24.58 1.47 0.51
C ASP A 110 -25.39 0.40 -0.23
N LEU A 111 -24.80 -0.15 -1.29
CA LEU A 111 -25.55 -0.98 -2.23
C LEU A 111 -26.35 -2.10 -1.55
N ALA A 112 -25.78 -2.69 -0.50
CA ALA A 112 -26.45 -3.74 0.25
C ALA A 112 -27.76 -3.24 0.86
N GLY A 113 -27.74 -2.04 1.44
CA GLY A 113 -28.93 -1.37 1.93
C GLY A 113 -29.96 -1.08 0.86
N LEU A 114 -29.53 -0.48 -0.25
CA LEU A 114 -30.42 -0.17 -1.35
C LEU A 114 -31.15 -1.41 -1.89
N LEU A 115 -30.42 -2.48 -2.00
CA LEU A 115 -30.95 -3.73 -2.56
C LEU A 115 -31.87 -4.46 -1.56
N SER A 116 -31.59 -4.28 -0.28
CA SER A 116 -32.39 -4.93 0.76
C SER A 116 -33.54 -4.00 1.16
N ASN A 117 -33.82 -3.02 0.30
CA ASN A 117 -34.89 -2.09 0.55
C ASN A 117 -35.97 -2.18 -0.56
N VAL A 118 -37.11 -2.77 -0.19
CA VAL A 118 -38.21 -2.99 -1.12
C VAL A 118 -38.71 -1.73 -1.80
N LEU A 119 -38.61 -0.58 -1.13
CA LEU A 119 -39.03 0.70 -1.70
C LEU A 119 -38.14 1.14 -2.86
N VAL A 120 -36.87 0.78 -2.78
CA VAL A 120 -35.85 1.29 -3.72
C VAL A 120 -35.98 0.53 -5.03
N LYS A 121 -36.01 1.24 -6.17
CA LYS A 121 -36.19 0.52 -7.45
C LYS A 121 -35.27 0.93 -8.59
N PHE A 122 -34.62 -0.06 -9.22
CA PHE A 122 -33.68 0.24 -10.31
C PHE A 122 -34.31 0.02 -11.68
N THR A 123 -34.02 0.94 -12.61
CA THR A 123 -34.32 0.68 -14.02
C THR A 123 -33.20 -0.16 -14.62
N LEU A 124 -33.45 -0.82 -15.74
CA LEU A 124 -32.38 -1.53 -16.43
C LEU A 124 -31.22 -0.57 -16.74
N SER A 125 -31.56 0.68 -17.02
CA SER A 125 -30.61 1.69 -17.42
C SER A 125 -29.63 2.04 -16.29
N GLU A 126 -30.15 2.08 -15.08
CA GLU A 126 -29.37 2.46 -13.92
C GLU A 126 -28.51 1.28 -13.46
N ILE A 127 -29.10 0.10 -13.47
CA ILE A 127 -28.34 -1.11 -13.19
C ILE A 127 -27.13 -1.18 -14.12
N LYS A 128 -27.33 -0.85 -15.39
CA LYS A 128 -26.20 -0.76 -16.33
C LYS A 128 -25.14 0.22 -15.83
N ARG A 129 -25.59 1.36 -15.33
CA ARG A 129 -24.68 2.40 -14.89
C ARG A 129 -23.88 1.93 -13.69
N VAL A 130 -24.58 1.35 -12.72
CA VAL A 130 -23.94 0.82 -11.52
C VAL A 130 -22.84 -0.16 -11.88
N MET A 131 -23.17 -1.17 -12.69
CA MET A 131 -22.20 -2.16 -13.12
C MET A 131 -21.02 -1.53 -13.87
N GLN A 132 -21.30 -0.44 -14.59
CA GLN A 132 -20.28 0.23 -15.36
C GLN A 132 -19.28 0.88 -14.43
N MET A 133 -19.79 1.59 -13.43
CA MET A 133 -18.89 2.26 -12.49
C MET A 133 -18.08 1.20 -11.72
N LEU A 134 -18.76 0.17 -11.24
CA LEU A 134 -18.10 -0.89 -10.47
C LEU A 134 -16.98 -1.53 -11.27
N LEU A 135 -17.28 -1.96 -12.49
CA LEU A 135 -16.29 -2.58 -13.36
C LEU A 135 -15.14 -1.61 -13.69
N ASN A 136 -15.48 -0.34 -13.80
CA ASN A 136 -14.46 0.67 -14.07
C ASN A 136 -13.54 0.89 -12.86
N GLY A 137 -14.11 0.82 -11.65
CA GLY A 137 -13.31 0.85 -10.46
C GLY A 137 -12.36 -0.33 -10.38
N LEU A 138 -12.88 -1.52 -10.65
CA LEU A 138 -12.04 -2.72 -10.70
C LEU A 138 -10.91 -2.60 -11.71
N TYR A 139 -11.23 -2.08 -12.89
CA TYR A 139 -10.21 -1.91 -13.92
C TYR A 139 -9.08 -1.05 -13.39
N TYR A 140 -9.44 0.01 -12.70
CA TYR A 140 -8.46 0.93 -12.12
C TYR A 140 -7.62 0.28 -11.04
N ILE A 141 -8.25 -0.40 -10.07
CA ILE A 141 -7.47 -0.94 -8.96
C ILE A 141 -6.54 -2.05 -9.43
N HIS A 142 -7.01 -2.85 -10.38
CA HIS A 142 -6.18 -3.92 -10.91
C HIS A 142 -5.00 -3.38 -11.73
N ARG A 143 -5.28 -2.40 -12.57
CA ARG A 143 -4.26 -1.72 -13.36
C ARG A 143 -3.17 -1.21 -12.42
N ASN A 144 -3.54 -0.96 -11.17
CA ASN A 144 -2.62 -0.47 -10.15
C ASN A 144 -2.13 -1.55 -9.23
N LYS A 145 -2.25 -2.80 -9.68
CA LYS A 145 -1.66 -3.94 -9.00
C LYS A 145 -2.29 -4.15 -7.63
N ILE A 146 -3.57 -3.85 -7.50
CA ILE A 146 -4.24 -4.15 -6.24
C ILE A 146 -5.38 -5.13 -6.45
N LEU A 147 -5.47 -6.10 -5.53
CA LEU A 147 -6.61 -6.98 -5.43
C LEU A 147 -7.45 -6.50 -4.27
N HIS A 148 -8.76 -6.39 -4.48
CA HIS A 148 -9.63 -5.90 -3.44
C HIS A 148 -9.92 -6.98 -2.41
N ARG A 149 -10.21 -8.18 -2.91
CA ARG A 149 -10.31 -9.39 -2.07
C ARG A 149 -11.50 -9.40 -1.12
N ASP A 150 -12.37 -8.42 -1.23
CA ASP A 150 -13.59 -8.46 -0.44
C ASP A 150 -14.77 -7.89 -1.23
N MET A 151 -14.81 -8.23 -2.52
CA MET A 151 -15.93 -7.83 -3.37
C MET A 151 -17.25 -8.37 -2.85
N LYS A 152 -18.14 -7.46 -2.48
CA LYS A 152 -19.46 -7.81 -1.99
C LYS A 152 -20.31 -6.54 -1.95
N ALA A 153 -21.63 -6.72 -2.08
CA ALA A 153 -22.54 -5.59 -2.19
C ALA A 153 -22.32 -4.57 -1.08
N ALA A 154 -22.07 -5.05 0.13
CA ALA A 154 -21.99 -4.16 1.28
C ALA A 154 -20.77 -3.24 1.28
N ASN A 155 -19.77 -3.58 0.48
CA ASN A 155 -18.56 -2.75 0.32
C ASN A 155 -18.64 -1.81 -0.87
N VAL A 156 -19.78 -1.77 -1.54
CA VAL A 156 -19.97 -0.85 -2.64
C VAL A 156 -20.81 0.32 -2.15
N LEU A 157 -20.24 1.52 -2.15
CA LEU A 157 -20.98 2.71 -1.76
C LEU A 157 -21.47 3.50 -2.96
N ILE A 158 -22.50 4.30 -2.78
CA ILE A 158 -22.95 5.24 -3.81
C ILE A 158 -23.21 6.61 -3.20
N THR A 159 -22.70 7.68 -3.81
CA THR A 159 -22.86 9.04 -3.31
C THR A 159 -24.21 9.62 -3.65
N ARG A 160 -24.58 10.67 -2.91
CA ARG A 160 -25.83 11.36 -3.14
C ARG A 160 -25.99 11.73 -4.60
N ASP A 161 -24.87 11.84 -5.32
CA ASP A 161 -24.91 12.25 -6.72
C ASP A 161 -24.78 11.10 -7.70
N GLY A 162 -24.92 9.87 -7.18
CA GLY A 162 -25.00 8.71 -8.04
C GLY A 162 -23.64 8.21 -8.53
N VAL A 163 -22.59 8.56 -7.79
CA VAL A 163 -21.27 8.03 -8.11
C VAL A 163 -20.95 6.83 -7.23
N LEU A 164 -20.69 5.67 -7.82
CA LEU A 164 -20.34 4.44 -7.06
C LEU A 164 -18.87 4.45 -6.62
N LYS A 165 -18.62 4.06 -5.37
CA LYS A 165 -17.26 3.95 -4.85
C LYS A 165 -17.04 2.57 -4.28
N LEU A 166 -15.94 1.94 -4.68
CA LEU A 166 -15.53 0.70 -4.03
C LEU A 166 -14.96 1.08 -2.67
N ALA A 167 -15.31 0.32 -1.64
CA ALA A 167 -14.93 0.67 -0.27
C ALA A 167 -14.31 -0.52 0.44
N ASP A 168 -13.85 -0.30 1.67
CA ASP A 168 -13.28 -1.36 2.48
C ASP A 168 -12.09 -2.07 1.86
N PHE A 169 -10.92 -1.42 1.93
CA PHE A 169 -9.70 -2.04 1.41
C PHE A 169 -8.90 -2.79 2.49
N GLY A 170 -9.60 -3.13 3.56
CA GLY A 170 -8.97 -3.69 4.75
C GLY A 170 -8.40 -5.06 4.56
N LEU A 171 -8.85 -5.75 3.52
CA LEU A 171 -8.29 -7.07 3.19
C LEU A 171 -7.58 -6.99 1.85
N ALA A 172 -7.55 -5.80 1.25
CA ALA A 172 -6.90 -5.68 -0.05
C ALA A 172 -5.37 -5.89 0.07
N ARG A 173 -4.73 -6.07 -1.08
CA ARG A 173 -3.33 -6.46 -1.10
C ARG A 173 -2.77 -6.17 -2.50
N ALA A 174 -1.53 -5.69 -2.56
CA ALA A 174 -0.82 -5.58 -3.85
C ALA A 174 -0.50 -6.96 -4.43
N PHE A 175 -0.45 -7.05 -5.76
CA PHE A 175 -0.07 -8.31 -6.40
C PHE A 175 0.99 -8.09 -7.46
N SER A 176 1.49 -9.18 -8.03
CA SER A 176 2.52 -9.11 -9.07
C SER A 176 2.58 -10.37 -9.92
N LEU A 177 3.73 -10.58 -10.55
CA LEU A 177 3.81 -11.53 -11.69
C LEU A 177 5.14 -12.26 -11.70
N PRO A 183 6.11 -18.16 -8.48
CA PRO A 183 4.96 -18.75 -7.82
C PRO A 183 4.59 -17.97 -6.57
N ASN A 184 3.63 -17.05 -6.68
CA ASN A 184 3.11 -16.31 -5.54
C ASN A 184 2.43 -17.17 -4.46
N ARG A 185 2.64 -16.80 -3.20
CA ARG A 185 1.93 -17.44 -2.09
C ARG A 185 1.07 -16.45 -1.36
N TYR A 186 0.01 -15.98 -2.01
CA TYR A 186 -0.98 -15.14 -1.35
C TYR A 186 -1.85 -16.01 -0.47
N ASN A 188 -5.15 -17.66 1.41
CA ASN A 188 -6.33 -18.24 0.79
C ASN A 188 -7.60 -17.81 1.48
N ARG A 189 -7.50 -17.40 2.74
CA ARG A 189 -8.68 -17.09 3.53
C ARG A 189 -9.12 -15.68 3.21
N VAL A 190 -9.48 -15.45 1.96
CA VAL A 190 -9.94 -14.12 1.54
C VAL A 190 -11.30 -14.10 0.85
N VAL A 191 -11.99 -12.97 1.02
CA VAL A 191 -13.33 -12.75 0.44
C VAL A 191 -14.43 -13.40 1.26
N THR A 192 -15.49 -12.66 1.55
CA THR A 192 -16.66 -13.23 2.20
C THR A 192 -17.09 -14.50 1.48
N LEU A 193 -17.50 -15.51 2.23
CA LEU A 193 -17.82 -16.81 1.67
C LEU A 193 -18.77 -16.79 0.46
N TRP A 194 -19.85 -16.01 0.54
CA TRP A 194 -20.86 -16.02 -0.50
C TRP A 194 -20.35 -15.46 -1.82
N TYR A 195 -19.30 -14.65 -1.73
CA TYR A 195 -18.75 -13.99 -2.90
C TYR A 195 -17.45 -14.64 -3.32
N ARG A 196 -16.97 -15.60 -2.53
CA ARG A 196 -15.66 -16.21 -2.79
C ARG A 196 -15.68 -17.12 -4.01
N PRO A 197 -14.72 -16.92 -4.93
CA PRO A 197 -14.60 -17.69 -6.17
C PRO A 197 -14.12 -19.13 -5.93
N PRO A 198 -14.40 -20.03 -6.90
CA PRO A 198 -14.00 -21.44 -6.87
C PRO A 198 -12.54 -21.62 -6.51
N GLU A 199 -11.64 -20.91 -7.21
CA GLU A 199 -10.19 -21.01 -7.00
C GLU A 199 -9.84 -21.05 -5.52
N LEU A 200 -10.31 -20.04 -4.79
CA LEU A 200 -9.99 -19.94 -3.38
C LEU A 200 -10.54 -21.13 -2.60
N LEU A 201 -11.79 -21.50 -2.89
CA LEU A 201 -12.44 -22.62 -2.22
C LEU A 201 -11.70 -23.95 -2.48
N LEU A 202 -11.00 -24.03 -3.61
CA LEU A 202 -10.20 -25.21 -3.93
C LEU A 202 -8.77 -25.08 -3.42
N GLY A 203 -8.48 -24.01 -2.70
CA GLY A 203 -7.19 -23.82 -2.06
C GLY A 203 -6.09 -23.11 -2.86
N GLU A 204 -6.46 -22.36 -3.89
CA GLU A 204 -5.47 -21.64 -4.70
C GLU A 204 -4.84 -20.46 -3.97
N ARG A 205 -3.53 -20.28 -4.14
CA ARG A 205 -2.80 -19.22 -3.46
C ARG A 205 -2.03 -18.39 -4.47
N ASP A 206 -2.11 -18.78 -5.73
CA ASP A 206 -1.54 -18.03 -6.81
C ASP A 206 -2.70 -17.54 -7.67
N TYR A 207 -3.51 -16.66 -7.11
CA TYR A 207 -4.68 -16.11 -7.79
C TYR A 207 -4.44 -14.63 -8.11
N GLY A 208 -5.29 -14.03 -8.93
CA GLY A 208 -5.13 -12.61 -9.27
C GLY A 208 -6.47 -11.91 -9.37
N PRO A 209 -6.55 -10.91 -10.28
CA PRO A 209 -7.74 -10.06 -10.45
C PRO A 209 -9.04 -10.80 -10.71
N PRO A 210 -8.99 -11.97 -11.35
CA PRO A 210 -10.23 -12.71 -11.57
C PRO A 210 -11.07 -12.97 -10.32
N ILE A 211 -10.47 -12.97 -9.13
CA ILE A 211 -11.30 -13.22 -7.94
C ILE A 211 -12.26 -12.06 -7.66
N ASP A 212 -11.82 -10.85 -7.97
CA ASP A 212 -12.67 -9.68 -7.78
C ASP A 212 -13.82 -9.67 -8.77
N LEU A 213 -13.55 -10.21 -9.96
CA LEU A 213 -14.56 -10.20 -11.02
C LEU A 213 -15.67 -11.22 -10.77
N TRP A 214 -15.30 -12.35 -10.20
CA TRP A 214 -16.28 -13.33 -9.78
C TRP A 214 -17.25 -12.65 -8.84
N GLY A 215 -16.70 -11.84 -7.93
CA GLY A 215 -17.52 -11.12 -6.98
C GLY A 215 -18.43 -10.09 -7.65
N ALA A 216 -17.93 -9.48 -8.71
CA ALA A 216 -18.72 -8.51 -9.46
C ALA A 216 -19.86 -9.25 -10.11
N GLY A 217 -19.59 -10.44 -10.62
CA GLY A 217 -20.68 -11.32 -11.09
C GLY A 217 -21.78 -11.53 -10.07
N CYS A 218 -21.42 -11.96 -8.87
CA CYS A 218 -22.41 -12.24 -7.82
C CYS A 218 -23.23 -10.98 -7.49
N ILE A 219 -22.57 -9.84 -7.55
CA ILE A 219 -23.22 -8.57 -7.26
C ILE A 219 -24.14 -8.17 -8.40
N MET A 220 -23.69 -8.37 -9.64
CA MET A 220 -24.52 -8.04 -10.78
C MET A 220 -25.84 -8.80 -10.67
N ALA A 221 -25.76 -10.12 -10.48
CA ALA A 221 -26.95 -10.96 -10.35
C ALA A 221 -27.84 -10.45 -9.21
N GLU A 222 -27.19 -9.89 -8.19
CA GLU A 222 -27.87 -9.42 -7.00
C GLU A 222 -28.67 -8.14 -7.28
N MET A 223 -28.36 -7.48 -8.39
CA MET A 223 -29.07 -6.25 -8.78
C MET A 223 -30.53 -6.53 -9.17
N TRP A 224 -30.81 -7.78 -9.54
CA TRP A 224 -32.17 -8.20 -9.87
C TRP A 224 -32.75 -9.07 -8.77
N THR A 225 -31.99 -10.04 -8.29
CA THR A 225 -32.48 -10.94 -7.26
C THR A 225 -32.63 -10.27 -5.91
N ARG A 226 -32.02 -9.10 -5.75
CA ARG A 226 -32.14 -8.36 -4.50
C ARG A 226 -31.64 -9.17 -3.31
N SER A 227 -30.78 -10.14 -3.57
CA SER A 227 -30.32 -11.05 -2.53
C SER A 227 -29.17 -11.90 -3.06
N PRO A 228 -28.17 -12.13 -2.21
CA PRO A 228 -26.97 -12.90 -2.59
C PRO A 228 -27.30 -14.28 -3.14
N ILE A 229 -27.00 -14.48 -4.42
CA ILE A 229 -27.44 -15.68 -5.17
C ILE A 229 -27.00 -17.01 -4.56
N MET A 230 -25.84 -17.04 -3.90
CA MET A 230 -25.26 -18.29 -3.39
C MET A 230 -24.79 -18.19 -1.95
N GLN A 231 -25.65 -18.57 -1.01
CA GLN A 231 -25.42 -18.31 0.41
C GLN A 231 -25.01 -19.53 1.23
N GLY A 232 -23.81 -20.04 0.98
CA GLY A 232 -23.32 -21.21 1.71
C GLY A 232 -23.15 -21.00 3.20
N ASN A 233 -22.92 -22.09 3.92
CA ASN A 233 -22.63 -22.03 5.35
C ASN A 233 -21.22 -22.47 5.66
N THR A 234 -20.68 -23.34 4.81
CA THR A 234 -19.28 -23.72 4.87
C THR A 234 -18.71 -23.73 3.46
N GLU A 235 -17.39 -23.81 3.36
CA GLU A 235 -16.73 -23.90 2.06
C GLU A 235 -17.32 -24.99 1.16
N GLN A 236 -17.58 -26.15 1.74
CA GLN A 236 -18.16 -27.25 0.97
C GLN A 236 -19.57 -26.94 0.52
N HIS A 237 -20.34 -26.29 1.40
CA HIS A 237 -21.69 -25.89 1.05
C HIS A 237 -21.65 -24.85 -0.06
N GLN A 238 -20.67 -23.94 0.03
CA GLN A 238 -20.49 -22.92 -0.99
C GLN A 238 -20.17 -23.58 -2.34
N LEU A 239 -19.23 -24.51 -2.33
CA LEU A 239 -18.83 -25.20 -3.54
C LEU A 239 -19.97 -26.01 -4.13
N ALA A 240 -20.84 -26.54 -3.26
CA ALA A 240 -22.03 -27.21 -3.74
C ALA A 240 -22.94 -26.23 -4.45
N LEU A 241 -23.24 -25.11 -3.79
CA LEU A 241 -24.12 -24.11 -4.39
C LEU A 241 -23.60 -23.64 -5.74
N ILE A 242 -22.30 -23.32 -5.78
CA ILE A 242 -21.63 -22.91 -7.01
C ILE A 242 -21.79 -23.96 -8.13
N SER A 243 -21.69 -25.24 -7.77
CA SER A 243 -21.84 -26.32 -8.74
C SER A 243 -23.28 -26.40 -9.26
N GLN A 244 -24.24 -26.14 -8.38
CA GLN A 244 -25.65 -26.19 -8.75
C GLN A 244 -26.04 -25.01 -9.63
N LEU A 245 -25.10 -24.09 -9.84
CA LEU A 245 -25.35 -22.94 -10.70
C LEU A 245 -24.46 -22.89 -11.92
N CYS A 246 -23.18 -23.16 -11.74
CA CYS A 246 -22.21 -22.95 -12.81
C CYS A 246 -21.74 -24.26 -13.43
N GLY A 247 -22.47 -25.34 -13.15
CA GLY A 247 -22.06 -26.65 -13.59
C GLY A 247 -21.11 -27.19 -12.53
N SER A 248 -20.59 -28.39 -12.75
CA SER A 248 -19.64 -28.95 -11.78
C SER A 248 -18.19 -28.92 -12.28
N ILE A 249 -17.29 -28.84 -11.31
CA ILE A 249 -15.88 -28.57 -11.58
C ILE A 249 -15.27 -29.73 -12.34
N THR A 250 -14.99 -29.50 -13.62
CA THR A 250 -14.49 -30.57 -14.49
C THR A 250 -13.22 -30.13 -15.20
N PRO A 251 -12.18 -30.97 -15.18
CA PRO A 251 -10.95 -30.66 -15.93
C PRO A 251 -11.25 -30.39 -17.38
N GLU A 252 -12.42 -30.79 -17.85
CA GLU A 252 -12.87 -30.49 -19.20
C GLU A 252 -13.29 -29.03 -19.26
N VAL A 253 -14.07 -28.63 -18.27
CA VAL A 253 -14.57 -27.26 -18.16
C VAL A 253 -13.45 -26.33 -17.68
N TRP A 254 -12.65 -26.81 -16.74
CA TRP A 254 -11.61 -26.03 -16.08
C TRP A 254 -10.29 -26.77 -16.17
N PRO A 255 -9.59 -26.63 -17.30
CA PRO A 255 -8.32 -27.31 -17.62
C PRO A 255 -7.32 -27.28 -16.47
N ASN A 256 -6.98 -28.45 -15.95
CA ASN A 256 -5.97 -28.58 -14.89
C ASN A 256 -6.49 -28.38 -13.48
N VAL A 257 -7.79 -28.12 -13.34
CA VAL A 257 -8.40 -28.04 -12.01
C VAL A 257 -8.00 -29.32 -11.24
N ASP A 258 -7.20 -30.13 -11.90
CA ASP A 258 -6.69 -31.40 -11.43
C ASP A 258 -5.80 -31.20 -10.20
N ASN A 259 -4.65 -30.58 -10.44
CA ASN A 259 -3.59 -30.45 -9.46
C ASN A 259 -3.98 -29.73 -8.20
N TYR A 260 -5.28 -29.56 -7.94
CA TYR A 260 -5.70 -29.08 -6.60
C TYR A 260 -5.82 -30.18 -5.57
N GLU A 261 -4.98 -30.10 -4.53
CA GLU A 261 -5.08 -30.97 -3.39
C GLU A 261 -6.55 -31.28 -3.12
N LEU A 262 -7.33 -30.24 -2.87
CA LEU A 262 -8.67 -30.43 -2.34
C LEU A 262 -9.62 -30.88 -3.45
N TYR A 263 -9.06 -31.29 -4.59
CA TYR A 263 -9.90 -31.66 -5.71
C TYR A 263 -10.45 -33.08 -5.60
N GLU A 264 -9.61 -34.07 -5.37
CA GLU A 264 -10.13 -35.41 -5.12
C GLU A 264 -10.96 -35.35 -3.83
N LYS A 265 -10.39 -34.66 -2.83
CA LYS A 265 -10.94 -34.58 -1.50
C LYS A 265 -12.26 -33.80 -1.40
N LEU A 266 -12.76 -33.24 -2.50
CA LEU A 266 -13.91 -32.30 -2.43
C LEU A 266 -15.28 -32.92 -2.29
N GLU A 267 -15.45 -34.17 -2.71
CA GLU A 267 -16.73 -34.84 -2.50
C GLU A 267 -17.92 -33.96 -2.97
N LEU A 268 -17.71 -33.13 -3.98
CA LEU A 268 -18.86 -32.44 -4.57
C LEU A 268 -19.62 -33.27 -5.61
N VAL A 269 -20.47 -32.57 -6.36
CA VAL A 269 -21.39 -33.17 -7.30
C VAL A 269 -20.62 -33.59 -8.55
N LYS A 270 -21.33 -34.21 -9.50
CA LYS A 270 -20.67 -34.70 -10.71
C LYS A 270 -21.51 -34.54 -11.97
N GLY A 271 -22.84 -34.47 -11.83
CA GLY A 271 -23.74 -34.42 -12.96
C GLY A 271 -24.29 -33.05 -13.33
N GLN A 272 -24.11 -32.08 -12.44
CA GLN A 272 -24.58 -30.71 -12.64
C GLN A 272 -24.15 -30.14 -14.01
N LYS A 273 -25.01 -29.31 -14.59
CA LYS A 273 -24.68 -28.58 -15.81
C LYS A 273 -25.07 -27.11 -15.63
N ARG A 274 -24.38 -26.20 -16.30
CA ARG A 274 -24.54 -24.76 -16.08
C ARG A 274 -25.97 -24.24 -16.15
N LYS A 275 -26.44 -23.69 -15.03
CA LYS A 275 -27.83 -23.26 -14.91
C LYS A 275 -27.90 -21.72 -14.74
N VAL A 276 -26.76 -21.07 -15.01
CA VAL A 276 -26.63 -19.66 -14.66
C VAL A 276 -27.68 -18.82 -15.35
N LYS A 277 -27.86 -19.07 -16.64
CA LYS A 277 -28.81 -18.30 -17.43
C LYS A 277 -30.27 -18.75 -17.18
N ASP A 278 -30.44 -20.03 -16.87
CA ASP A 278 -31.78 -20.57 -16.60
C ASP A 278 -32.33 -20.13 -15.24
N ARG A 279 -31.48 -20.19 -14.22
CA ARG A 279 -31.94 -19.91 -12.86
C ARG A 279 -32.15 -18.43 -12.63
N LEU A 280 -31.45 -17.60 -13.42
CA LEU A 280 -31.54 -16.16 -13.31
C LEU A 280 -32.43 -15.56 -14.40
N LYS A 281 -32.68 -16.39 -15.41
CA LYS A 281 -33.60 -16.07 -16.51
C LYS A 281 -34.86 -15.35 -16.01
N ALA A 282 -35.38 -15.80 -14.88
CA ALA A 282 -36.56 -15.20 -14.24
C ALA A 282 -36.34 -13.72 -13.95
N TYR A 283 -35.44 -13.45 -13.00
CA TYR A 283 -35.24 -12.09 -12.48
C TYR A 283 -34.72 -11.09 -13.52
N VAL A 284 -33.76 -11.51 -14.32
CA VAL A 284 -33.08 -10.62 -15.26
C VAL A 284 -33.85 -10.79 -16.58
N ARG A 285 -34.62 -9.77 -16.95
CA ARG A 285 -35.26 -9.75 -18.28
C ARG A 285 -34.23 -9.82 -19.43
N ASP A 286 -33.31 -8.85 -19.44
CA ASP A 286 -32.43 -8.54 -20.56
C ASP A 286 -31.42 -9.64 -20.89
N PRO A 287 -31.37 -10.04 -22.18
CA PRO A 287 -30.47 -11.07 -22.67
C PRO A 287 -28.98 -10.75 -22.50
N TYR A 288 -28.57 -9.53 -22.85
CA TYR A 288 -27.20 -9.06 -22.66
C TYR A 288 -26.74 -9.11 -21.19
N ALA A 289 -27.60 -8.63 -20.29
CA ALA A 289 -27.39 -8.74 -18.87
C ALA A 289 -27.06 -10.18 -18.47
N LEU A 290 -27.87 -11.11 -18.92
CA LEU A 290 -27.67 -12.51 -18.59
C LEU A 290 -26.36 -13.03 -19.18
N ASP A 291 -26.03 -12.59 -20.39
CA ASP A 291 -24.80 -13.04 -21.02
C ASP A 291 -23.57 -12.56 -20.26
N LEU A 292 -23.58 -11.29 -19.85
CA LEU A 292 -22.46 -10.76 -19.08
C LEU A 292 -22.30 -11.44 -17.73
N ILE A 293 -23.41 -11.65 -17.02
CA ILE A 293 -23.36 -12.32 -15.72
C ILE A 293 -22.76 -13.71 -15.88
N ASP A 294 -23.19 -14.38 -16.95
CA ASP A 294 -22.70 -15.70 -17.25
C ASP A 294 -21.18 -15.70 -17.45
N LYS A 295 -20.67 -14.63 -18.07
CA LYS A 295 -19.23 -14.55 -18.35
C LYS A 295 -18.42 -14.09 -17.15
N LEU A 296 -19.09 -13.48 -16.17
CA LEU A 296 -18.47 -13.16 -14.88
C LEU A 296 -18.41 -14.39 -13.97
N LEU A 297 -19.51 -15.13 -13.86
CA LEU A 297 -19.56 -16.34 -13.06
C LEU A 297 -19.03 -17.55 -13.82
N VAL A 298 -17.86 -17.41 -14.41
CA VAL A 298 -17.19 -18.54 -15.07
C VAL A 298 -16.27 -19.24 -14.07
N LEU A 299 -16.25 -20.56 -14.10
CA LEU A 299 -15.48 -21.37 -13.15
C LEU A 299 -13.97 -21.20 -13.26
N ASP A 300 -13.42 -21.41 -14.46
CA ASP A 300 -11.98 -21.28 -14.64
C ASP A 300 -11.63 -19.77 -14.62
N PRO A 301 -10.87 -19.36 -13.60
CA PRO A 301 -10.45 -17.96 -13.43
C PRO A 301 -9.83 -17.40 -14.71
N ALA A 302 -9.24 -18.27 -15.50
CA ALA A 302 -8.51 -17.84 -16.70
C ALA A 302 -9.45 -17.64 -17.87
N GLN A 303 -10.65 -18.21 -17.78
CA GLN A 303 -11.66 -18.03 -18.83
C GLN A 303 -12.71 -17.02 -18.40
N ARG A 304 -12.61 -16.57 -17.15
CA ARG A 304 -13.50 -15.55 -16.61
C ARG A 304 -13.18 -14.19 -17.21
N ILE A 305 -14.22 -13.51 -17.68
CA ILE A 305 -14.08 -12.20 -18.30
C ILE A 305 -13.38 -11.20 -17.38
N ASP A 306 -12.58 -10.31 -17.99
CA ASP A 306 -11.88 -9.30 -17.19
C ASP A 306 -12.61 -7.97 -17.28
N SER A 307 -12.23 -7.02 -16.42
CA SER A 307 -12.99 -5.78 -16.38
C SER A 307 -12.94 -5.06 -17.73
N ASP A 308 -11.83 -5.15 -18.42
CA ASP A 308 -11.69 -4.47 -19.70
C ASP A 308 -12.68 -4.99 -20.75
N ASP A 309 -12.76 -6.31 -20.88
CA ASP A 309 -13.70 -6.91 -21.82
C ASP A 309 -15.14 -6.71 -21.36
N ALA A 310 -15.33 -6.75 -20.06
CA ALA A 310 -16.67 -6.67 -19.49
C ALA A 310 -17.20 -5.28 -19.80
N LEU A 311 -16.35 -4.27 -19.66
CA LEU A 311 -16.78 -2.90 -19.97
C LEU A 311 -17.17 -2.77 -21.43
N ASN A 312 -16.56 -3.60 -22.26
CA ASN A 312 -16.78 -3.55 -23.70
C ASN A 312 -18.04 -4.33 -24.12
N HIS A 313 -18.51 -5.20 -23.23
CA HIS A 313 -19.69 -6.04 -23.47
C HIS A 313 -20.91 -5.26 -23.92
N ASP A 314 -21.69 -5.86 -24.82
CA ASP A 314 -22.80 -5.15 -25.46
C ASP A 314 -23.85 -4.66 -24.47
N PHE A 315 -23.85 -5.25 -23.27
CA PHE A 315 -24.74 -4.80 -22.19
C PHE A 315 -24.60 -3.29 -21.93
N PHE A 316 -23.40 -2.74 -22.11
CA PHE A 316 -23.17 -1.33 -21.86
C PHE A 316 -23.31 -0.50 -23.14
N TRP A 317 -23.58 -1.16 -24.26
CA TRP A 317 -23.57 -0.49 -25.55
C TRP A 317 -24.83 -0.73 -26.38
N SER A 318 -25.89 -1.15 -25.71
CA SER A 318 -27.20 -1.30 -26.32
C SER A 318 -28.25 -0.59 -25.47
N ASP A 319 -29.45 -0.40 -26.02
CA ASP A 319 -30.53 0.27 -25.30
C ASP A 319 -31.18 -0.61 -24.27
N PRO A 320 -31.63 -0.01 -23.15
CA PRO A 320 -31.43 1.41 -22.86
C PRO A 320 -29.99 1.63 -22.45
N MET A 321 -29.32 2.60 -23.04
CA MET A 321 -27.95 2.93 -22.64
C MET A 321 -27.90 3.32 -21.17
N PRO A 322 -26.72 3.13 -20.52
CA PRO A 322 -26.55 3.42 -19.08
C PRO A 322 -26.96 4.84 -18.74
N SER A 323 -27.67 5.04 -17.63
CA SER A 323 -28.11 6.36 -17.24
C SER A 323 -27.71 6.70 -15.80
N ASP A 324 -27.67 7.99 -15.48
CA ASP A 324 -27.44 8.47 -14.13
C ASP A 324 -28.43 7.96 -13.08
N LEU A 325 -28.03 8.05 -11.81
CA LEU A 325 -28.79 7.49 -10.72
C LEU A 325 -29.66 8.52 -9.99
N LYS A 326 -30.87 8.09 -9.64
CA LYS A 326 -31.83 8.96 -8.93
C LYS A 326 -32.86 8.13 -8.15
N GLY A 327 -33.17 6.95 -8.70
CA GLY A 327 -33.72 5.87 -7.89
C GLY A 327 -32.55 5.15 -7.21
N ASN B 9 2.02 18.29 0.53
CA ASN B 9 2.13 18.40 -0.96
C ASN B 9 3.21 17.47 -1.58
N ASN B 10 3.65 17.79 -2.80
CA ASN B 10 4.87 17.20 -3.39
C ASN B 10 6.15 17.98 -3.04
N LYS B 11 5.99 18.98 -2.16
CA LYS B 11 7.02 19.90 -1.68
C LYS B 11 7.17 19.67 -0.18
N ARG B 12 6.37 18.75 0.36
CA ARG B 12 6.21 18.68 1.82
C ARG B 12 7.48 18.21 2.50
N TRP B 13 8.07 17.15 1.96
CA TRP B 13 9.25 16.60 2.54
C TRP B 13 10.51 16.96 1.76
N TYR B 14 10.48 18.08 1.04
CA TYR B 14 11.69 18.60 0.40
C TYR B 14 11.93 20.05 0.83
N PHE B 15 13.17 20.36 1.18
CA PHE B 15 13.47 21.57 1.90
C PHE B 15 14.57 22.35 1.19
N THR B 16 14.53 23.67 1.38
CA THR B 16 15.52 24.58 0.79
C THR B 16 16.71 24.48 1.74
N ARG B 17 17.86 24.98 1.33
CA ARG B 17 19.05 24.96 2.24
C ARG B 17 18.77 25.79 3.51
N GLU B 18 18.02 26.88 3.33
CA GLU B 18 17.70 27.76 4.44
C GLU B 18 16.85 27.02 5.48
N GLN B 19 15.91 26.23 5.00
CA GLN B 19 15.05 25.42 5.86
C GLN B 19 15.91 24.44 6.62
N LEU B 20 16.97 23.95 5.99
CA LEU B 20 17.82 22.97 6.60
C LEU B 20 18.70 23.56 7.70
N GLU B 21 19.12 24.81 7.54
CA GLU B 21 19.77 25.52 8.63
C GLU B 21 18.85 25.68 9.84
N ASN B 22 17.59 26.06 9.61
CA ASN B 22 16.63 26.21 10.69
C ASN B 22 15.91 24.94 11.09
N SER B 23 16.65 23.89 11.39
CA SER B 23 16.06 22.61 11.75
C SER B 23 15.57 22.74 13.19
N PRO B 24 14.62 21.91 13.59
CA PRO B 24 14.15 21.88 14.96
C PRO B 24 15.32 21.80 15.92
N SER B 25 16.34 21.02 15.55
CA SER B 25 17.49 20.84 16.41
C SER B 25 18.28 22.12 16.58
N ARG B 26 18.42 22.94 15.53
CA ARG B 26 19.17 24.22 15.66
C ARG B 26 18.47 25.10 16.70
N ARG B 27 17.14 25.08 16.66
CA ARG B 27 16.31 25.88 17.57
C ARG B 27 16.53 25.48 19.03
N PHE B 28 17.08 24.29 19.24
CA PHE B 28 17.52 23.90 20.57
C PHE B 28 19.06 23.92 20.76
N GLY B 29 19.75 24.69 19.94
CA GLY B 29 21.16 24.93 20.18
C GLY B 29 22.16 23.96 19.65
N VAL B 30 21.70 23.03 18.81
CA VAL B 30 22.58 22.02 18.21
C VAL B 30 23.22 22.62 16.98
N ASP B 31 24.54 22.60 16.93
CA ASP B 31 25.23 23.05 15.72
C ASP B 31 24.78 22.29 14.47
N PRO B 32 24.93 22.92 13.30
CA PRO B 32 24.71 22.22 12.05
C PRO B 32 25.55 20.96 11.97
N ASP B 33 26.86 21.11 12.15
CA ASP B 33 27.77 19.95 11.98
C ASP B 33 27.45 18.81 12.93
N LYS B 34 27.10 19.16 14.17
CA LYS B 34 26.76 18.21 15.19
C LYS B 34 25.53 17.45 14.71
N GLU B 35 24.57 18.20 14.18
CA GLU B 35 23.31 17.60 13.74
C GLU B 35 23.56 16.61 12.62
N LEU B 36 24.43 16.97 11.69
CA LEU B 36 24.73 16.03 10.57
C LEU B 36 25.28 14.74 11.13
N SER B 37 26.03 14.83 12.24
CA SER B 37 26.64 13.65 12.84
C SER B 37 25.54 12.79 13.43
N TYR B 38 24.62 13.45 14.12
CA TYR B 38 23.52 12.79 14.75
C TYR B 38 22.80 11.97 13.70
N ARG B 39 22.52 12.56 12.54
CA ARG B 39 21.98 11.80 11.39
C ARG B 39 22.85 10.63 11.00
N GLN B 40 24.10 10.91 10.64
CA GLN B 40 25.03 9.90 10.23
C GLN B 40 25.01 8.71 11.17
N GLN B 41 25.06 9.00 12.46
CA GLN B 41 25.20 7.96 13.45
C GLN B 41 23.95 7.14 13.53
N ALA B 42 22.80 7.80 13.37
CA ALA B 42 21.53 7.05 13.38
C ALA B 42 21.49 6.08 12.21
N ALA B 43 21.87 6.57 11.04
CA ALA B 43 21.92 5.78 9.81
C ALA B 43 22.87 4.60 10.08
N ASN B 44 23.99 4.84 10.80
CA ASN B 44 24.86 3.70 11.10
C ASN B 44 24.16 2.64 11.97
N LEU B 45 23.44 3.11 12.99
CA LEU B 45 22.72 2.22 13.87
C LEU B 45 21.73 1.43 13.04
N LEU B 46 21.07 2.11 12.12
CA LEU B 46 20.09 1.45 11.28
C LEU B 46 20.77 0.38 10.44
N GLN B 47 21.90 0.74 9.82
CA GLN B 47 22.62 -0.23 9.02
C GLN B 47 23.04 -1.46 9.85
N ASP B 48 23.58 -1.19 11.04
CA ASP B 48 24.09 -2.26 11.88
C ASP B 48 22.95 -3.22 12.28
N MET B 49 21.88 -2.68 12.86
CA MET B 49 20.73 -3.48 13.29
C MET B 49 20.11 -4.22 12.09
N GLY B 50 20.04 -3.51 10.98
CA GLY B 50 19.31 -4.02 9.81
C GLY B 50 20.00 -5.29 9.31
N GLN B 51 21.33 -5.23 9.33
CA GLN B 51 22.13 -6.37 8.87
C GLN B 51 22.06 -7.52 9.84
N ARG B 52 22.05 -7.20 11.14
CA ARG B 52 21.91 -8.26 12.14
C ARG B 52 20.51 -8.86 12.15
N LEU B 53 19.48 -8.03 11.92
CA LEU B 53 18.12 -8.52 11.81
C LEU B 53 17.84 -9.14 10.45
N ASN B 54 18.84 -9.18 9.58
CA ASN B 54 18.71 -9.76 8.28
C ASN B 54 17.58 -9.19 7.47
N VAL B 55 17.39 -7.87 7.50
CA VAL B 55 16.44 -7.22 6.62
C VAL B 55 17.23 -6.64 5.45
N SER B 56 16.54 -6.31 4.38
CA SER B 56 17.16 -5.85 3.16
C SER B 56 17.74 -4.44 3.28
N GLN B 57 18.70 -4.11 2.41
CA GLN B 57 19.17 -2.72 2.32
C GLN B 57 18.01 -1.80 1.97
N LEU B 58 17.07 -2.27 1.15
CA LEU B 58 15.90 -1.41 0.88
C LEU B 58 15.20 -0.95 2.19
N THR B 59 14.88 -1.90 3.07
CA THR B 59 14.21 -1.58 4.34
C THR B 59 15.07 -0.63 5.19
N ILE B 60 16.37 -0.89 5.24
CA ILE B 60 17.25 0.02 5.97
C ILE B 60 17.15 1.45 5.42
N ASN B 61 17.18 1.57 4.10
CA ASN B 61 17.07 2.88 3.45
C ASN B 61 15.71 3.53 3.77
N THR B 62 14.65 2.74 3.81
CA THR B 62 13.36 3.29 4.12
C THR B 62 13.45 3.79 5.55
N ALA B 63 14.04 3.00 6.45
CA ALA B 63 14.12 3.51 7.86
C ALA B 63 14.96 4.77 7.92
N ILE B 64 16.07 4.79 7.20
CA ILE B 64 16.92 5.97 7.14
C ILE B 64 16.20 7.24 6.69
N VAL B 65 15.39 7.15 5.64
CA VAL B 65 14.62 8.32 5.17
C VAL B 65 13.64 8.74 6.27
N TYR B 66 12.97 7.76 6.87
CA TYR B 66 11.99 8.08 7.94
C TYR B 66 12.74 8.94 8.96
N MET B 67 13.92 8.48 9.33
CA MET B 67 14.76 9.14 10.28
C MET B 67 15.05 10.57 9.85
N HIS B 68 15.50 10.73 8.61
CA HIS B 68 15.80 12.07 8.11
C HIS B 68 14.64 13.01 8.30
N ARG B 69 13.50 12.63 7.76
CA ARG B 69 12.30 13.43 7.82
C ARG B 69 11.79 13.69 9.23
N PHE B 70 11.90 12.68 10.09
CA PHE B 70 11.43 12.78 11.45
C PHE B 70 12.14 13.98 12.08
N TYR B 71 13.42 14.11 11.84
CA TYR B 71 14.18 15.19 12.45
C TYR B 71 14.13 16.53 11.76
N MET B 72 13.33 16.67 10.71
CA MET B 72 12.99 18.00 10.22
C MET B 72 11.83 18.56 11.02
N ILE B 73 11.28 17.74 11.90
CA ILE B 73 10.07 18.13 12.62
C ILE B 73 10.33 18.04 14.11
N GLN B 74 11.10 17.03 14.52
CA GLN B 74 11.52 16.89 15.88
C GLN B 74 13.00 17.22 16.07
N SER B 75 13.37 17.41 17.33
CA SER B 75 14.73 17.79 17.70
C SER B 75 15.45 16.61 18.33
N PHE B 76 16.74 16.51 18.02
CA PHE B 76 17.60 15.48 18.55
C PHE B 76 17.70 15.73 20.02
N THR B 77 17.54 16.98 20.43
CA THR B 77 17.52 17.24 21.87
C THR B 77 16.36 16.64 22.64
N ARG B 78 15.23 16.45 21.97
CA ARG B 78 14.07 15.79 22.61
C ARG B 78 14.05 14.31 22.30
N PHE B 79 14.46 13.92 21.10
CA PHE B 79 14.43 12.51 20.71
C PHE B 79 15.78 12.06 20.18
N PRO B 80 16.45 11.25 20.98
CA PRO B 80 17.79 10.83 20.65
C PRO B 80 17.77 9.72 19.61
N GLY B 81 18.73 9.76 18.69
CA GLY B 81 18.72 8.84 17.56
C GLY B 81 18.74 7.39 18.03
N ASN B 82 19.38 7.12 19.18
CA ASN B 82 19.44 5.75 19.70
C ASN B 82 18.06 5.21 20.11
N SER B 83 17.08 6.11 20.11
CA SER B 83 15.72 5.78 20.52
C SER B 83 14.85 5.63 19.31
N VAL B 84 15.04 6.57 18.39
CA VAL B 84 14.27 6.67 17.18
C VAL B 84 14.65 5.57 16.17
N ALA B 85 15.95 5.30 16.04
CA ALA B 85 16.44 4.40 15.00
C ALA B 85 15.74 3.05 15.10
N PRO B 86 15.78 2.44 16.30
CA PRO B 86 15.15 1.11 16.36
C PRO B 86 13.65 1.18 16.02
N ALA B 87 12.95 2.16 16.58
CA ALA B 87 11.54 2.32 16.27
C ALA B 87 11.30 2.54 14.77
N ALA B 88 12.13 3.38 14.17
CA ALA B 88 12.04 3.68 12.75
C ALA B 88 12.25 2.39 11.93
N LEU B 89 13.26 1.61 12.31
CA LEU B 89 13.53 0.34 11.62
C LEU B 89 12.42 -0.69 11.83
N PHE B 90 11.97 -0.86 13.06
CA PHE B 90 10.80 -1.70 13.32
C PHE B 90 9.68 -1.40 12.31
N LEU B 91 9.41 -0.11 12.15
CA LEU B 91 8.33 0.35 11.28
C LEU B 91 8.60 0.07 9.80
N ALA B 92 9.79 0.44 9.33
CA ALA B 92 10.18 0.22 7.98
C ALA B 92 10.12 -1.24 7.55
N ALA B 93 10.46 -2.14 8.47
CA ALA B 93 10.37 -3.57 8.14
C ALA B 93 8.90 -3.99 7.98
N LYS B 94 8.03 -3.44 8.84
CA LYS B 94 6.61 -3.74 8.73
C LYS B 94 6.17 -3.25 7.36
N VAL B 95 6.49 -1.98 7.09
CA VAL B 95 5.99 -1.33 5.88
C VAL B 95 6.51 -2.03 4.63
N GLU B 96 7.74 -2.52 4.70
CA GLU B 96 8.39 -3.10 3.52
C GLU B 96 8.13 -4.61 3.42
N GLY B 97 7.26 -5.12 4.29
CA GLY B 97 6.88 -6.52 4.26
C GLY B 97 8.00 -7.46 4.66
N GLN B 98 8.93 -7.01 5.49
CA GLN B 98 9.85 -7.94 6.17
C GLN B 98 9.63 -7.72 7.65
N PRO B 99 8.40 -7.92 8.10
CA PRO B 99 8.08 -7.60 9.51
C PRO B 99 9.06 -8.36 10.43
N LYS B 100 9.65 -7.66 11.38
CA LYS B 100 10.47 -8.31 12.41
C LYS B 100 9.75 -8.13 13.74
N LYS B 101 9.84 -9.13 14.61
CA LYS B 101 9.07 -9.14 15.83
C LYS B 101 9.61 -8.06 16.76
N LEU B 102 8.70 -7.38 17.44
CA LEU B 102 9.08 -6.32 18.38
C LEU B 102 10.15 -6.76 19.36
N GLU B 103 9.98 -7.92 19.98
CA GLU B 103 10.99 -8.36 20.97
C GLU B 103 12.35 -8.49 20.30
N HIS B 104 12.34 -9.01 19.09
CA HIS B 104 13.56 -9.28 18.37
C HIS B 104 14.33 -7.97 18.12
N VAL B 105 13.59 -6.93 17.78
CA VAL B 105 14.17 -5.65 17.44
C VAL B 105 14.73 -5.00 18.71
N ILE B 106 14.00 -5.10 19.81
CA ILE B 106 14.48 -4.59 21.09
C ILE B 106 15.81 -5.25 21.47
N LYS B 107 15.87 -6.56 21.29
CA LYS B 107 17.01 -7.34 21.62
C LYS B 107 18.24 -6.91 20.82
N VAL B 108 18.05 -6.79 19.50
CA VAL B 108 19.16 -6.47 18.62
C VAL B 108 19.67 -5.06 18.89
N ALA B 109 18.75 -4.14 19.07
CA ALA B 109 19.12 -2.76 19.44
C ALA B 109 19.90 -2.71 20.75
N HIS B 110 19.54 -3.62 21.66
CA HIS B 110 20.19 -3.62 22.96
C HIS B 110 21.66 -4.02 22.80
N THR B 111 21.91 -5.08 22.03
CA THR B 111 23.27 -5.51 21.83
C THR B 111 24.08 -4.48 21.05
N CYS B 112 23.43 -3.81 20.09
CA CYS B 112 24.10 -2.81 19.29
C CYS B 112 24.59 -1.67 20.16
N LEU B 113 23.72 -1.14 21.00
CA LEU B 113 24.00 0.05 21.81
C LEU B 113 24.71 -0.31 23.11
N HIS B 114 24.57 -1.54 23.58
CA HIS B 114 25.19 -1.96 24.82
C HIS B 114 25.80 -3.35 24.70
N PRO B 115 26.82 -3.49 23.85
CA PRO B 115 27.42 -4.77 23.59
C PRO B 115 27.78 -5.49 24.89
N GLN B 116 28.19 -4.72 25.90
CA GLN B 116 28.72 -5.32 27.12
C GLN B 116 27.67 -5.54 28.18
N GLU B 117 26.60 -4.74 28.20
CA GLU B 117 25.53 -4.99 29.15
C GLU B 117 24.82 -6.27 28.74
N SER B 118 23.84 -6.65 29.55
CA SER B 118 23.19 -7.95 29.37
C SER B 118 21.67 -7.79 29.36
N LEU B 119 20.97 -8.43 28.43
CA LEU B 119 19.54 -8.17 28.30
C LEU B 119 18.77 -8.47 29.57
N PRO B 120 17.82 -7.59 29.94
CA PRO B 120 17.04 -7.84 31.17
C PRO B 120 16.12 -9.05 31.01
N ASP B 121 15.60 -9.54 32.13
CA ASP B 121 14.58 -10.59 32.09
C ASP B 121 13.38 -10.04 31.33
N THR B 122 12.98 -10.73 30.27
CA THR B 122 11.79 -10.31 29.51
C THR B 122 10.54 -10.33 30.36
N ARG B 123 10.70 -10.61 31.65
CA ARG B 123 9.58 -10.53 32.60
C ARG B 123 9.69 -9.28 33.43
N SER B 124 10.84 -8.61 33.40
CA SER B 124 11.07 -7.50 34.27
C SER B 124 10.26 -6.26 33.94
N GLU B 125 10.27 -5.32 34.89
CA GLU B 125 9.59 -4.05 34.77
C GLU B 125 10.38 -3.19 33.80
N ALA B 126 11.69 -3.25 33.91
CA ALA B 126 12.57 -2.42 33.12
C ALA B 126 12.45 -2.77 31.64
N TYR B 127 12.17 -4.03 31.37
CA TYR B 127 12.11 -4.47 30.00
C TYR B 127 10.75 -4.14 29.42
N LEU B 128 9.71 -4.40 30.22
CA LEU B 128 8.37 -4.09 29.80
C LEU B 128 8.19 -2.62 29.41
N GLN B 129 8.92 -1.74 30.08
CA GLN B 129 8.87 -0.32 29.83
C GLN B 129 9.46 -0.01 28.47
N GLN B 130 10.56 -0.69 28.13
CA GLN B 130 11.28 -0.34 26.89
C GLN B 130 10.55 -0.95 25.70
N VAL B 131 9.87 -2.06 25.92
CA VAL B 131 8.91 -2.54 24.90
C VAL B 131 7.84 -1.49 24.63
N GLN B 132 7.25 -0.98 25.70
CA GLN B 132 6.21 0.05 25.56
C GLN B 132 6.77 1.32 24.91
N ASP B 133 8.04 1.62 25.20
CA ASP B 133 8.62 2.90 24.75
C ASP B 133 8.74 2.90 23.23
N LEU B 134 9.20 1.77 22.69
CA LEU B 134 9.37 1.61 21.27
C LEU B 134 8.05 1.75 20.53
N VAL B 135 7.04 1.01 20.96
CA VAL B 135 5.70 1.14 20.43
C VAL B 135 5.20 2.58 20.45
N ILE B 136 5.50 3.31 21.53
CA ILE B 136 5.09 4.69 21.65
C ILE B 136 5.83 5.54 20.60
N LEU B 137 7.09 5.20 20.37
CA LEU B 137 7.94 5.98 19.49
C LEU B 137 7.59 5.73 18.03
N GLU B 138 7.22 4.49 17.73
CA GLU B 138 6.73 4.15 16.39
C GLU B 138 5.53 5.04 16.08
N SER B 139 4.74 5.26 17.12
CA SER B 139 3.53 6.07 16.99
C SER B 139 3.83 7.55 16.77
N ILE B 140 4.87 8.04 17.44
CA ILE B 140 5.28 9.43 17.25
C ILE B 140 5.94 9.65 15.89
N ILE B 141 6.58 8.61 15.37
CA ILE B 141 7.08 8.61 14.00
C ILE B 141 5.94 8.66 12.96
N LEU B 142 4.98 7.76 13.09
CA LEU B 142 3.80 7.74 12.20
C LEU B 142 3.16 9.12 12.16
N GLN B 143 3.02 9.73 13.33
CA GLN B 143 2.28 10.97 13.47
C GLN B 143 3.09 12.10 12.89
N THR B 144 4.41 12.08 13.16
CA THR B 144 5.29 13.06 12.62
C THR B 144 5.30 12.99 11.11
N LEU B 145 5.30 11.79 10.54
CA LEU B 145 5.30 11.64 9.09
C LEU B 145 3.92 11.73 8.48
N GLY B 146 2.90 11.96 9.30
CA GLY B 146 1.54 12.07 8.76
C GLY B 146 1.21 10.82 7.92
N PHE B 147 1.59 9.68 8.42
CA PHE B 147 1.28 8.39 7.81
C PHE B 147 1.71 8.21 6.37
N GLU B 148 2.64 9.05 5.95
CA GLU B 148 3.21 8.90 4.62
C GLU B 148 4.48 8.05 4.63
N LEU B 149 4.34 6.79 4.25
CA LEU B 149 5.39 5.80 4.49
C LEU B 149 5.87 5.19 3.18
N THR B 150 5.30 5.63 2.06
CA THR B 150 5.70 5.01 0.81
C THR B 150 6.89 5.83 0.34
N ILE B 151 8.06 5.24 0.34
CA ILE B 151 9.27 5.95 -0.01
C ILE B 151 9.74 5.52 -1.38
N ASP B 152 10.23 6.47 -2.17
CA ASP B 152 10.86 6.14 -3.45
C ASP B 152 12.36 6.30 -3.25
N HIS B 153 13.15 5.28 -3.58
CA HIS B 153 14.62 5.43 -3.35
C HIS B 153 15.35 5.52 -4.67
N PRO B 154 16.45 6.28 -4.69
CA PRO B 154 17.22 6.49 -5.91
C PRO B 154 17.52 5.18 -6.65
N HIS B 155 17.61 4.07 -5.93
CA HIS B 155 18.19 2.83 -6.47
C HIS B 155 17.37 2.30 -7.61
N THR B 156 16.05 2.40 -7.49
CA THR B 156 15.22 1.88 -8.55
C THR B 156 15.73 2.56 -9.82
N HIS B 157 15.95 3.87 -9.73
CA HIS B 157 16.32 4.70 -10.86
C HIS B 157 17.75 4.43 -11.30
N VAL B 158 18.59 4.02 -10.36
CA VAL B 158 19.99 3.70 -10.69
C VAL B 158 19.99 2.57 -11.70
N VAL B 159 19.50 1.41 -11.31
CA VAL B 159 19.36 0.30 -12.24
C VAL B 159 18.84 0.79 -13.60
N LYS B 160 17.71 1.51 -13.63
CA LYS B 160 17.15 2.00 -14.91
C LYS B 160 18.17 2.75 -15.76
N CYS B 161 18.92 3.62 -15.10
CA CYS B 161 19.80 4.52 -15.76
C CYS B 161 21.08 3.83 -16.19
N THR B 162 21.66 3.02 -15.32
CA THR B 162 22.91 2.32 -15.65
C THR B 162 22.78 1.27 -16.73
N GLN B 163 21.56 0.79 -16.96
CA GLN B 163 21.28 -0.13 -18.09
C GLN B 163 21.18 0.64 -19.40
N LEU B 164 20.38 1.71 -19.36
CA LEU B 164 20.19 2.55 -20.53
C LEU B 164 21.41 3.46 -20.71
N VAL B 165 22.57 2.98 -20.26
CA VAL B 165 23.86 3.51 -20.72
C VAL B 165 24.95 2.41 -20.72
N ARG B 166 24.52 1.15 -20.71
CA ARG B 166 25.38 -0.01 -20.83
C ARG B 166 26.65 0.05 -20.00
N ALA B 167 26.48 0.17 -18.69
CA ALA B 167 27.62 0.23 -17.80
C ALA B 167 28.05 -1.17 -17.41
N SER B 168 29.36 -1.37 -17.22
CA SER B 168 29.85 -2.62 -16.63
C SER B 168 29.11 -2.95 -15.33
N LYS B 169 29.16 -4.22 -14.92
CA LYS B 169 28.68 -4.62 -13.56
C LYS B 169 29.31 -3.65 -12.54
N ASP B 170 30.63 -3.49 -12.59
CA ASP B 170 31.42 -2.63 -11.70
C ASP B 170 30.83 -1.22 -11.62
N LEU B 171 30.60 -0.59 -12.77
CA LEU B 171 30.12 0.82 -12.72
C LEU B 171 28.79 0.83 -11.99
N ALA B 172 27.91 -0.08 -12.39
CA ALA B 172 26.59 -0.18 -11.81
C ALA B 172 26.64 -0.43 -10.31
N GLN B 173 27.50 -1.36 -9.88
CA GLN B 173 27.67 -1.63 -8.45
C GLN B 173 28.17 -0.39 -7.69
N THR B 174 29.08 0.35 -8.30
CA THR B 174 29.59 1.57 -7.66
C THR B 174 28.48 2.61 -7.56
N SER B 175 27.66 2.68 -8.60
CA SER B 175 26.60 3.72 -8.59
C SER B 175 25.61 3.41 -7.46
N TYR B 176 25.27 2.13 -7.30
CA TYR B 176 24.39 1.70 -6.22
C TYR B 176 25.05 1.99 -4.83
N PHE B 177 26.36 1.76 -4.77
CA PHE B 177 27.13 2.13 -3.57
C PHE B 177 26.99 3.59 -3.19
N MET B 178 27.19 4.47 -4.15
CA MET B 178 27.07 5.88 -3.94
C MET B 178 25.68 6.17 -3.43
N ALA B 179 24.68 5.56 -4.07
CA ALA B 179 23.28 5.81 -3.73
C ALA B 179 23.06 5.58 -2.25
N THR B 180 23.53 4.43 -1.76
CA THR B 180 23.32 4.06 -0.36
C THR B 180 24.08 4.99 0.58
N ASN B 181 25.37 5.22 0.29
CA ASN B 181 26.14 6.23 1.04
C ASN B 181 25.58 7.64 0.99
N SER B 182 24.89 8.00 -0.10
CA SER B 182 24.20 9.33 -0.08
C SER B 182 23.17 9.39 1.06
N LEU B 183 22.44 8.30 1.30
CA LEU B 183 21.51 8.28 2.42
C LEU B 183 22.19 8.37 3.78
N HIS B 184 23.28 7.62 3.98
CA HIS B 184 23.95 7.62 5.27
C HIS B 184 24.62 8.95 5.54
N LEU B 185 25.11 9.58 4.47
CA LEU B 185 26.09 10.62 4.63
C LEU B 185 25.56 11.99 4.27
N THR B 186 24.47 12.09 3.51
CA THR B 186 24.03 13.42 3.10
C THR B 186 22.56 13.59 3.38
N THR B 187 22.09 14.84 3.35
CA THR B 187 20.67 15.11 3.42
C THR B 187 20.06 15.28 2.04
N PHE B 188 20.63 14.64 1.03
CA PHE B 188 20.14 14.78 -0.33
C PHE B 188 18.73 14.30 -0.40
N SER B 189 18.39 13.26 0.35
CA SER B 189 17.02 12.72 0.29
C SER B 189 15.98 13.76 0.71
N LEU B 190 16.39 14.75 1.50
CA LEU B 190 15.52 15.82 1.93
C LEU B 190 15.51 17.01 0.99
N GLN B 191 16.38 17.01 -0.02
CA GLN B 191 16.51 18.19 -0.88
C GLN B 191 16.22 17.84 -2.33
N TYR B 192 16.60 16.65 -2.76
CA TYR B 192 16.48 16.32 -4.17
C TYR B 192 15.69 15.04 -4.38
N THR B 193 14.86 15.05 -5.42
CA THR B 193 14.03 13.90 -5.76
C THR B 193 14.92 12.71 -6.05
N PRO B 194 14.36 11.50 -5.93
CA PRO B 194 15.17 10.28 -6.04
C PRO B 194 15.89 10.20 -7.37
N PRO B 195 15.20 10.55 -8.45
CA PRO B 195 15.77 10.43 -9.79
C PRO B 195 16.92 11.42 -10.01
N VAL B 196 16.80 12.61 -9.44
CA VAL B 196 17.91 13.59 -9.51
C VAL B 196 19.12 13.04 -8.75
N VAL B 197 18.89 12.59 -7.52
CA VAL B 197 19.97 11.98 -6.74
C VAL B 197 20.64 10.84 -7.52
N ALA B 198 19.82 10.05 -8.20
CA ALA B 198 20.37 8.90 -8.92
C ALA B 198 21.36 9.37 -10.00
N CYS B 199 21.02 10.51 -10.60
CA CYS B 199 21.91 11.05 -11.64
C CYS B 199 23.24 11.42 -10.99
N VAL B 200 23.15 12.03 -9.81
CA VAL B 200 24.35 12.44 -9.06
C VAL B 200 25.25 11.24 -8.76
N CYS B 201 24.64 10.16 -8.30
CA CYS B 201 25.37 8.91 -8.02
C CYS B 201 26.05 8.31 -9.27
N ILE B 202 25.31 8.29 -10.39
CA ILE B 202 25.85 7.71 -11.62
C ILE B 202 26.98 8.64 -12.08
N HIS B 203 26.72 9.94 -12.02
CA HIS B 203 27.79 10.93 -12.29
C HIS B 203 29.08 10.62 -11.53
N LEU B 204 29.03 10.65 -10.20
CA LEU B 204 30.22 10.38 -9.40
C LEU B 204 30.86 9.02 -9.67
N ALA B 205 30.05 8.00 -9.81
CA ALA B 205 30.60 6.65 -10.12
C ALA B 205 31.42 6.69 -11.38
N CYS B 206 30.92 7.47 -12.35
CA CYS B 206 31.61 7.61 -13.63
C CYS B 206 32.93 8.31 -13.38
N LYS B 207 32.88 9.50 -12.80
CA LYS B 207 34.07 10.27 -12.49
C LYS B 207 35.13 9.44 -11.72
N TRP B 208 34.66 8.66 -10.74
CA TRP B 208 35.51 7.83 -9.96
C TRP B 208 36.15 6.70 -10.77
N SER B 209 35.43 6.16 -11.75
CA SER B 209 35.93 5.05 -12.54
C SER B 209 36.66 5.44 -13.79
N ASN B 210 36.70 6.73 -14.11
CA ASN B 210 37.19 7.19 -15.42
C ASN B 210 36.38 6.62 -16.54
N TRP B 211 35.06 6.62 -16.40
CA TRP B 211 34.15 6.17 -17.44
C TRP B 211 33.49 7.46 -17.88
N GLU B 212 33.31 7.64 -19.18
CA GLU B 212 32.52 8.76 -19.67
C GLU B 212 31.46 8.23 -20.60
N ILE B 213 30.22 8.68 -20.39
CA ILE B 213 29.13 8.33 -21.29
C ILE B 213 29.09 9.33 -22.45
N PRO B 214 29.25 8.83 -23.68
CA PRO B 214 29.41 9.71 -24.85
C PRO B 214 28.06 10.34 -25.17
N VAL B 215 28.08 11.56 -25.71
CA VAL B 215 26.85 12.28 -26.02
C VAL B 215 26.00 11.54 -27.04
N SER B 216 24.68 11.51 -26.83
CA SER B 216 23.79 10.80 -27.76
C SER B 216 23.84 11.44 -29.14
N THR B 217 23.46 10.68 -30.16
CA THR B 217 23.39 11.21 -31.51
C THR B 217 22.66 12.54 -31.60
N ASP B 218 21.65 12.74 -30.76
CA ASP B 218 20.88 13.98 -30.78
C ASP B 218 21.67 15.18 -30.25
N GLY B 219 22.67 14.89 -29.43
CA GLY B 219 23.42 15.93 -28.74
C GLY B 219 22.94 16.00 -27.31
N LYS B 220 22.16 15.00 -26.89
CA LYS B 220 21.61 15.02 -25.53
C LYS B 220 22.43 14.13 -24.59
N HIS B 221 22.71 14.66 -23.40
CA HIS B 221 23.47 13.94 -22.40
C HIS B 221 22.60 12.90 -21.72
N TRP B 222 23.22 11.84 -21.20
CA TRP B 222 22.47 10.76 -20.57
C TRP B 222 21.44 11.20 -19.56
N TRP B 223 21.76 12.21 -18.75
CA TRP B 223 20.90 12.54 -17.61
C TRP B 223 19.58 13.15 -18.06
N GLU B 224 19.57 13.72 -19.26
CA GLU B 224 18.36 14.34 -19.78
C GLU B 224 17.26 13.32 -20.02
N TYR B 225 17.65 12.08 -20.28
CA TYR B 225 16.73 10.98 -20.46
C TYR B 225 16.08 10.53 -19.17
N VAL B 226 16.55 11.03 -18.03
CA VAL B 226 16.13 10.60 -16.72
C VAL B 226 15.43 11.70 -15.91
N ASP B 227 15.84 12.95 -16.11
CA ASP B 227 15.26 14.11 -15.41
C ASP B 227 15.44 15.42 -16.16
N ALA B 228 14.31 16.05 -16.49
CA ALA B 228 14.33 17.30 -17.28
C ALA B 228 15.02 18.45 -16.55
N THR B 229 14.99 18.43 -15.23
CA THR B 229 15.52 19.52 -14.44
C THR B 229 17.05 19.50 -14.36
N VAL B 230 17.67 18.34 -14.58
CA VAL B 230 19.05 18.16 -14.18
C VAL B 230 20.03 18.89 -15.07
N THR B 231 20.99 19.54 -14.43
CA THR B 231 22.04 20.29 -15.12
C THR B 231 23.43 19.83 -14.67
N LEU B 232 24.41 19.87 -15.57
CA LEU B 232 25.76 19.46 -15.24
C LEU B 232 26.25 20.36 -14.14
N GLU B 233 25.84 21.63 -14.15
CA GLU B 233 26.25 22.60 -13.09
C GLU B 233 25.89 22.04 -11.72
N LEU B 234 24.67 21.51 -11.64
CA LEU B 234 24.13 20.93 -10.44
C LEU B 234 24.78 19.59 -10.13
N LEU B 235 24.87 18.71 -11.13
CA LEU B 235 25.60 17.47 -10.95
C LEU B 235 27.01 17.64 -10.39
N ASP B 236 27.78 18.56 -10.97
CA ASP B 236 29.16 18.74 -10.47
C ASP B 236 29.13 19.28 -9.04
N GLU B 237 28.22 20.20 -8.77
CA GLU B 237 28.07 20.76 -7.43
C GLU B 237 27.76 19.67 -6.41
N LEU B 238 26.84 18.77 -6.77
CA LEU B 238 26.41 17.71 -5.85
C LEU B 238 27.42 16.59 -5.66
N THR B 239 27.97 16.07 -6.75
CA THR B 239 29.03 15.04 -6.67
C THR B 239 30.22 15.55 -5.84
N HIS B 240 30.48 16.84 -5.96
CA HIS B 240 31.59 17.43 -5.21
C HIS B 240 31.22 17.22 -3.75
N GLU B 241 30.02 17.67 -3.37
CA GLU B 241 29.58 17.59 -1.98
C GLU B 241 29.62 16.17 -1.47
N LEU B 242 29.08 15.25 -2.26
CA LEU B 242 29.02 13.85 -1.82
C LEU B 242 30.42 13.25 -1.68
N LEU B 243 31.28 13.50 -2.68
CA LEU B 243 32.66 13.04 -2.61
C LEU B 243 33.42 13.59 -1.39
N GLN B 244 33.19 14.84 -1.04
CA GLN B 244 33.86 15.41 0.14
C GLN B 244 33.61 14.57 1.38
N ILE B 245 32.33 14.30 1.65
CA ILE B 245 31.97 13.63 2.91
C ILE B 245 32.46 12.18 2.84
N LEU B 246 32.43 11.62 1.64
CA LEU B 246 33.03 10.28 1.46
C LEU B 246 34.49 10.27 1.89
N GLU B 247 35.22 11.32 1.50
CA GLU B 247 36.65 11.42 1.84
C GLU B 247 36.83 11.48 3.35
N LYS B 248 35.86 12.09 4.03
CA LYS B 248 35.90 12.27 5.47
C LYS B 248 35.57 10.97 6.18
N THR B 249 34.93 10.04 5.47
CA THR B 249 34.46 8.81 6.09
C THR B 249 35.48 7.69 6.04
N PRO B 250 36.12 7.42 7.19
CA PRO B 250 37.19 6.42 7.27
C PRO B 250 36.77 5.12 6.58
N ASN B 251 37.63 4.60 5.71
CA ASN B 251 37.34 3.33 5.03
C ASN B 251 36.27 3.17 3.99
N ARG B 252 35.32 4.09 3.91
CA ARG B 252 34.21 3.97 2.93
C ARG B 252 34.76 3.87 1.50
N LEU B 253 35.64 4.82 1.14
CA LEU B 253 36.19 4.86 -0.21
C LEU B 253 37.01 3.62 -0.57
N LYS B 254 37.74 3.08 0.41
CA LYS B 254 38.46 1.84 0.23
C LYS B 254 37.60 0.77 -0.46
N ARG B 255 36.33 0.70 -0.10
CA ARG B 255 35.45 -0.35 -0.60
C ARG B 255 35.28 -0.33 -2.10
N ILE B 256 35.29 0.84 -2.72
CA ILE B 256 35.28 0.91 -4.19
C ILE B 256 36.59 1.30 -4.87
N TRP B 257 37.69 1.26 -4.14
CA TRP B 257 38.96 1.79 -4.68
C TRP B 257 39.62 0.72 -5.52
N ASN B 258 40.05 1.06 -6.73
CA ASN B 258 40.71 0.08 -7.57
C ASN B 258 42.16 -0.12 -7.14
N TRP B 259 42.42 -1.28 -6.54
CA TRP B 259 43.66 -1.55 -5.86
C TRP B 259 44.63 -2.22 -6.83
N ARG B 260 44.16 -2.48 -8.05
CA ARG B 260 44.99 -3.17 -9.04
C ARG B 260 45.90 -2.17 -9.76
#